data_7O4Z
#
_entry.id   7O4Z
#
_cell.length_a   89.741
_cell.length_b   89.741
_cell.length_c   130.790
_cell.angle_alpha   90.000
_cell.angle_beta   90.000
_cell.angle_gamma   120.000
#
_symmetry.space_group_name_H-M   'H 3 2'
#
loop_
_entity.id
_entity.type
_entity.pdbx_description
1 polymer 'Carboxysome assembly protein CcmM'
2 non-polymer 'NICKEL (II) ION'
3 non-polymer 'CHLORIDE ION'
4 water water
#
_entity_poly.entity_id   1
_entity_poly.type   'polypeptide(L)'
_entity_poly.pdbx_seq_one_letter_code
;MPSPTTVPVATAGRLAEPYIDPAAQVHAIASIIGDVRIAAGVRVAAGVSIRADEGAPFQVGKESILQEGAVIHGLEYGRV
LGDDQADYSVWIGQRVAITHKALIHGPAYLGDDCFVGFRSTVFNARVGAGSVIMMHALVQDVEIPPGRYVPSGAIITTQQ
QADRLPEVRPEDREFARHIIG
;
_entity_poly.pdbx_strand_id   A
#
loop_
_chem_comp.id
_chem_comp.type
_chem_comp.name
_chem_comp.formula
CL non-polymer 'CHLORIDE ION' 'Cl -1'
NI non-polymer 'NICKEL (II) ION' 'Ni 2'
#
# COMPACT_ATOMS: atom_id res chain seq x y z
N ALA A 16 -10.72 -17.51 2.81
CA ALA A 16 -9.72 -18.61 2.63
C ALA A 16 -9.24 -18.63 1.18
N GLU A 17 -10.14 -18.35 0.23
CA GLU A 17 -9.84 -18.19 -1.22
C GLU A 17 -9.87 -16.70 -1.55
N PRO A 18 -8.95 -16.19 -2.40
CA PRO A 18 -9.03 -14.78 -2.81
C PRO A 18 -10.30 -14.51 -3.63
N TYR A 19 -10.86 -13.32 -3.49
CA TYR A 19 -11.91 -12.79 -4.39
C TYR A 19 -11.23 -11.87 -5.42
N ILE A 20 -11.18 -12.28 -6.68
CA ILE A 20 -10.50 -11.53 -7.76
C ILE A 20 -11.58 -11.00 -8.72
N ASP A 21 -11.78 -9.68 -8.72
CA ASP A 21 -12.83 -9.03 -9.54
C ASP A 21 -12.58 -9.44 -10.99
N PRO A 22 -13.59 -9.82 -11.79
CA PRO A 22 -13.33 -10.22 -13.17
C PRO A 22 -12.58 -9.15 -14.11
N ALA A 23 -12.71 -7.86 -13.67
CA ALA A 23 -12.09 -6.68 -14.35
C ALA A 23 -10.69 -6.44 -13.79
N ALA A 24 -10.23 -7.25 -12.84
CA ALA A 24 -8.82 -7.09 -12.35
C ALA A 24 -7.89 -7.72 -13.38
N GLN A 25 -6.62 -7.28 -13.47
CA GLN A 25 -5.63 -7.89 -14.40
C GLN A 25 -4.48 -8.45 -13.55
N VAL A 26 -4.55 -9.72 -13.18
CA VAL A 26 -3.52 -10.37 -12.34
C VAL A 26 -2.63 -11.24 -13.21
N HIS A 27 -1.31 -11.03 -13.18
CA HIS A 27 -0.34 -11.88 -13.90
C HIS A 27 -0.46 -13.34 -13.41
N ALA A 28 -0.35 -14.27 -14.36
CA ALA A 28 -0.40 -15.73 -14.18
C ALA A 28 0.62 -16.16 -13.12
N ILE A 29 1.75 -15.47 -13.04
CA ILE A 29 2.92 -15.81 -12.19
C ILE A 29 2.84 -15.03 -10.86
N ALA A 30 1.87 -14.11 -10.66
CA ALA A 30 1.65 -13.49 -9.30
C ALA A 30 1.07 -14.55 -8.35
N SER A 31 1.39 -14.44 -7.06
CA SER A 31 0.95 -15.39 -6.02
C SER A 31 0.03 -14.64 -5.05
N ILE A 32 -1.24 -14.98 -5.09
CA ILE A 32 -2.24 -14.42 -4.16
C ILE A 32 -2.90 -15.57 -3.40
N ILE A 33 -2.82 -15.52 -2.07
CA ILE A 33 -3.20 -16.63 -1.16
C ILE A 33 -4.02 -16.07 0.00
N GLY A 34 -5.07 -16.80 0.40
CA GLY A 34 -5.89 -16.46 1.57
C GLY A 34 -6.98 -15.39 1.25
N ASP A 35 -7.43 -14.73 2.33
CA ASP A 35 -8.64 -13.85 2.26
C ASP A 35 -8.20 -12.46 1.75
N VAL A 36 -7.94 -12.38 0.46
CA VAL A 36 -7.55 -11.15 -0.28
C VAL A 36 -8.71 -10.80 -1.22
N ARG A 37 -9.14 -9.55 -1.18
CA ARG A 37 -10.16 -8.98 -2.07
C ARG A 37 -9.46 -8.01 -3.03
N ILE A 38 -9.45 -8.35 -4.31
CA ILE A 38 -8.84 -7.54 -5.39
C ILE A 38 -9.99 -6.90 -6.18
N ALA A 39 -10.06 -5.58 -6.19
CA ALA A 39 -11.17 -4.85 -6.85
C ALA A 39 -10.96 -4.70 -8.36
N ALA A 40 -11.99 -4.17 -9.03
CA ALA A 40 -11.98 -3.91 -10.50
C ALA A 40 -10.77 -3.05 -10.86
N GLY A 41 -10.14 -3.32 -11.99
CA GLY A 41 -9.07 -2.49 -12.56
C GLY A 41 -7.73 -2.57 -11.85
N VAL A 42 -7.59 -3.38 -10.82
CA VAL A 42 -6.28 -3.57 -10.15
C VAL A 42 -5.34 -4.30 -11.11
N ARG A 43 -4.10 -3.85 -11.22
CA ARG A 43 -3.09 -4.54 -12.04
C ARG A 43 -2.02 -5.11 -11.13
N VAL A 44 -1.80 -6.43 -11.22
CA VAL A 44 -0.75 -7.12 -10.44
C VAL A 44 0.28 -7.78 -11.38
N ALA A 45 1.53 -7.36 -11.26
CA ALA A 45 2.65 -7.77 -12.14
C ALA A 45 3.10 -9.18 -11.76
N ALA A 46 3.88 -9.77 -12.65
CA ALA A 46 4.56 -11.04 -12.34
C ALA A 46 5.48 -10.79 -11.17
N GLY A 47 5.60 -11.80 -10.34
CA GLY A 47 6.55 -11.78 -9.22
C GLY A 47 6.09 -10.80 -8.17
N VAL A 48 4.76 -10.63 -7.99
CA VAL A 48 4.12 -9.99 -6.81
C VAL A 48 3.66 -11.11 -5.86
N SER A 49 3.81 -10.90 -4.55
CA SER A 49 3.34 -11.88 -3.52
C SER A 49 2.37 -11.20 -2.57
N ILE A 50 1.14 -11.68 -2.51
CA ILE A 50 0.10 -11.22 -1.57
C ILE A 50 -0.35 -12.46 -0.82
N ARG A 51 0.00 -12.57 0.44
CA ARG A 51 -0.32 -13.77 1.27
C ARG A 51 -1.03 -13.33 2.53
N ALA A 52 -2.33 -13.63 2.62
CA ALA A 52 -3.15 -13.34 3.81
C ALA A 52 -3.26 -14.67 4.60
N ASP A 53 -2.15 -15.41 4.69
CA ASP A 53 -2.00 -16.72 5.42
C ASP A 53 -1.68 -16.55 6.92
N GLU A 54 -1.25 -15.39 7.37
CA GLU A 54 -1.05 -15.05 8.81
C GLU A 54 -2.11 -14.00 9.14
N GLY A 55 -1.78 -12.72 8.98
CA GLY A 55 -2.73 -11.57 8.99
C GLY A 55 -3.70 -11.68 7.81
N ALA A 56 -5.00 -11.57 8.06
CA ALA A 56 -6.07 -11.42 7.03
C ALA A 56 -7.21 -10.67 7.70
N PRO A 57 -8.16 -10.05 6.95
CA PRO A 57 -8.14 -9.97 5.49
C PRO A 57 -7.38 -8.77 4.91
N PHE A 58 -7.12 -8.82 3.58
CA PHE A 58 -6.51 -7.71 2.78
C PHE A 58 -7.55 -7.20 1.78
N GLN A 59 -7.68 -5.90 1.66
CA GLN A 59 -8.47 -5.22 0.61
C GLN A 59 -7.48 -4.48 -0.27
N VAL A 60 -7.59 -4.64 -1.59
CA VAL A 60 -6.86 -3.82 -2.59
C VAL A 60 -7.91 -3.09 -3.48
N GLY A 61 -8.04 -1.80 -3.31
CA GLY A 61 -9.10 -0.99 -3.94
C GLY A 61 -8.90 -0.70 -5.43
N LYS A 62 -10.00 -0.26 -6.06
CA LYS A 62 -10.12 -0.11 -7.52
C LYS A 62 -8.93 0.61 -8.13
N GLU A 63 -8.39 0.02 -9.20
CA GLU A 63 -7.37 0.66 -10.10
C GLU A 63 -6.03 0.88 -9.36
N SER A 64 -5.83 0.21 -8.24
CA SER A 64 -4.47 0.12 -7.67
C SER A 64 -3.51 -0.70 -8.58
N ILE A 65 -2.21 -0.48 -8.41
CA ILE A 65 -1.15 -1.09 -9.26
C ILE A 65 -0.05 -1.63 -8.35
N LEU A 66 0.26 -2.90 -8.50
CA LEU A 66 1.37 -3.57 -7.78
C LEU A 66 2.42 -4.05 -8.79
N GLN A 67 3.64 -3.52 -8.65
CA GLN A 67 4.74 -3.80 -9.57
C GLN A 67 5.65 -4.95 -9.05
N GLU A 68 6.52 -5.45 -9.91
CA GLU A 68 7.37 -6.63 -9.61
C GLU A 68 8.12 -6.49 -8.30
N GLY A 69 8.18 -7.55 -7.50
CA GLY A 69 8.99 -7.51 -6.28
C GLY A 69 8.16 -7.04 -5.12
N ALA A 70 6.98 -6.43 -5.35
CA ALA A 70 6.10 -5.93 -4.26
C ALA A 70 5.64 -7.13 -3.44
N VAL A 71 5.53 -6.92 -2.14
CA VAL A 71 5.08 -7.94 -1.19
C VAL A 71 4.06 -7.30 -0.27
N ILE A 72 2.90 -7.97 -0.11
CA ILE A 72 1.89 -7.58 0.90
C ILE A 72 1.73 -8.77 1.85
N HIS A 73 2.04 -8.58 3.13
CA HIS A 73 1.89 -9.61 4.18
C HIS A 73 1.32 -8.94 5.43
N GLY A 74 1.02 -9.70 6.47
CA GLY A 74 0.49 -9.11 7.70
C GLY A 74 0.71 -9.97 8.93
N LEU A 75 0.82 -9.34 10.08
CA LEU A 75 0.92 -10.05 11.37
C LEU A 75 -0.41 -10.71 11.71
N GLU A 76 -0.36 -11.88 12.36
CA GLU A 76 -1.59 -12.59 12.81
C GLU A 76 -2.51 -11.59 13.56
N TYR A 77 -1.91 -10.82 14.47
CA TYR A 77 -2.61 -9.90 15.39
C TYR A 77 -2.29 -8.47 14.97
N GLY A 78 -3.29 -7.59 15.01
CA GLY A 78 -3.19 -6.16 14.68
C GLY A 78 -3.97 -5.86 13.43
N ARG A 79 -4.86 -4.88 13.51
CA ARG A 79 -5.83 -4.58 12.43
C ARG A 79 -5.89 -3.07 12.29
N VAL A 80 -6.38 -2.58 11.15
CA VAL A 80 -6.72 -1.16 10.88
C VAL A 80 -8.21 -1.08 10.51
N LEU A 81 -8.81 0.06 10.75
CA LEU A 81 -10.20 0.32 10.35
C LEU A 81 -10.23 0.69 8.86
N GLY A 82 -10.88 -0.17 8.09
CA GLY A 82 -11.21 0.14 6.68
C GLY A 82 -12.26 1.26 6.54
N ASP A 83 -12.43 1.80 5.33
CA ASP A 83 -13.42 2.88 5.00
C ASP A 83 -14.84 2.30 5.12
N ASP A 84 -15.00 0.99 5.07
CA ASP A 84 -16.30 0.32 5.26
C ASP A 84 -16.57 0.03 6.75
N GLN A 85 -15.73 0.53 7.68
CA GLN A 85 -15.85 0.33 9.15
C GLN A 85 -15.57 -1.13 9.58
N ALA A 86 -15.12 -2.00 8.66
CA ALA A 86 -14.70 -3.39 8.92
C ALA A 86 -13.19 -3.37 9.24
N ASP A 87 -12.70 -4.41 9.92
CA ASP A 87 -11.29 -4.53 10.34
C ASP A 87 -10.50 -5.32 9.29
N TYR A 88 -9.28 -4.87 8.99
CA TYR A 88 -8.36 -5.46 7.99
C TYR A 88 -6.98 -5.56 8.63
N SER A 89 -6.21 -6.56 8.20
CA SER A 89 -4.74 -6.57 8.39
C SER A 89 -4.12 -5.50 7.47
N VAL A 90 -4.53 -5.46 6.18
CA VAL A 90 -4.03 -4.47 5.21
C VAL A 90 -5.25 -3.90 4.48
N TRP A 91 -5.37 -2.58 4.50
CA TRP A 91 -6.33 -1.82 3.66
C TRP A 91 -5.50 -0.99 2.67
N ILE A 92 -5.66 -1.29 1.38
CA ILE A 92 -5.11 -0.45 0.28
C ILE A 92 -6.31 0.18 -0.45
N GLY A 93 -6.34 1.51 -0.46
CA GLY A 93 -7.44 2.24 -1.09
C GLY A 93 -7.45 2.14 -2.64
N GLN A 94 -8.15 3.07 -3.26
CA GLN A 94 -8.28 3.15 -4.72
C GLN A 94 -7.06 3.86 -5.33
N ARG A 95 -6.63 3.44 -6.52
CA ARG A 95 -5.57 4.10 -7.33
C ARG A 95 -4.29 4.23 -6.49
N VAL A 96 -3.99 3.28 -5.62
CA VAL A 96 -2.72 3.23 -4.86
C VAL A 96 -1.65 2.55 -5.73
N ALA A 97 -0.47 3.14 -5.79
CA ALA A 97 0.67 2.63 -6.57
C ALA A 97 1.69 2.03 -5.60
N ILE A 98 1.94 0.72 -5.71
CA ILE A 98 2.90 -0.01 -4.86
C ILE A 98 4.01 -0.48 -5.78
N THR A 99 5.11 0.23 -5.84
CA THR A 99 6.07 0.09 -6.94
C THR A 99 7.17 -0.98 -6.63
N HIS A 100 8.12 -1.16 -7.58
CA HIS A 100 9.12 -2.23 -7.52
C HIS A 100 9.67 -2.42 -6.12
N LYS A 101 9.59 -3.65 -5.61
CA LYS A 101 10.28 -4.10 -4.34
C LYS A 101 9.66 -3.43 -3.11
N ALA A 102 8.51 -2.75 -3.18
CA ALA A 102 7.87 -2.19 -1.96
C ALA A 102 7.31 -3.32 -1.08
N LEU A 103 7.30 -3.05 0.24
CA LEU A 103 6.79 -4.02 1.23
C LEU A 103 5.69 -3.31 2.02
N ILE A 104 4.47 -3.81 1.92
CA ILE A 104 3.34 -3.31 2.75
C ILE A 104 3.11 -4.44 3.75
N HIS A 105 3.27 -4.17 5.04
CA HIS A 105 3.13 -5.22 6.06
C HIS A 105 2.09 -4.78 7.07
N GLY A 106 1.04 -5.58 7.18
CA GLY A 106 -0.04 -5.29 8.13
C GLY A 106 0.51 -5.36 9.54
N PRO A 107 -0.11 -4.64 10.47
CA PRO A 107 -1.30 -3.78 10.20
C PRO A 107 -0.93 -2.52 9.43
N ALA A 108 -1.64 -2.23 8.34
CA ALA A 108 -1.28 -1.11 7.44
C ALA A 108 -2.52 -0.59 6.73
N TYR A 109 -2.60 0.72 6.60
CA TYR A 109 -3.69 1.43 5.89
C TYR A 109 -3.02 2.38 4.93
N LEU A 110 -3.34 2.30 3.64
CA LEU A 110 -2.96 3.31 2.64
C LEU A 110 -4.25 3.88 2.07
N GLY A 111 -4.42 5.18 2.18
CA GLY A 111 -5.61 5.84 1.66
C GLY A 111 -5.55 5.95 0.14
N ASP A 112 -6.67 6.38 -0.40
CA ASP A 112 -6.76 6.54 -1.89
C ASP A 112 -5.67 7.45 -2.48
N ASP A 113 -5.16 7.11 -3.66
CA ASP A 113 -4.24 7.98 -4.44
C ASP A 113 -2.86 8.07 -3.75
N CYS A 114 -2.48 7.17 -2.88
CA CYS A 114 -1.11 7.11 -2.30
C CYS A 114 -0.16 6.52 -3.34
N PHE A 115 1.10 6.92 -3.26
CA PHE A 115 2.19 6.36 -4.08
C PHE A 115 3.27 5.85 -3.08
N VAL A 116 3.75 4.65 -3.31
CA VAL A 116 4.86 4.07 -2.51
C VAL A 116 6.01 3.73 -3.46
N GLY A 117 7.10 4.46 -3.36
CA GLY A 117 8.18 4.35 -4.29
C GLY A 117 9.11 3.15 -4.12
N PHE A 118 10.09 3.04 -5.04
CA PHE A 118 10.86 1.77 -5.18
C PHE A 118 11.51 1.43 -3.84
N ARG A 119 11.36 0.16 -3.42
CA ARG A 119 12.09 -0.40 -2.25
C ARG A 119 11.63 0.33 -0.96
N SER A 120 10.45 0.89 -0.92
CA SER A 120 9.92 1.52 0.31
C SER A 120 9.04 0.55 1.08
N THR A 121 8.98 0.79 2.40
CA THR A 121 8.24 -0.08 3.34
C THR A 121 7.23 0.71 4.16
N VAL A 122 6.04 0.16 4.29
CA VAL A 122 4.96 0.68 5.18
C VAL A 122 4.62 -0.48 6.15
N PHE A 123 4.84 -0.28 7.44
CA PHE A 123 4.57 -1.33 8.47
C PHE A 123 3.98 -0.71 9.74
N ASN A 124 2.87 -1.29 10.18
CA ASN A 124 2.24 -0.79 11.43
C ASN A 124 1.97 0.70 11.36
N ALA A 125 1.29 1.13 10.29
CA ALA A 125 1.19 2.56 10.03
C ALA A 125 -0.12 2.82 9.26
N ARG A 126 -0.58 4.06 9.31
CA ARG A 126 -1.74 4.58 8.54
C ARG A 126 -1.21 5.73 7.70
N VAL A 127 -1.37 5.64 6.41
CA VAL A 127 -0.92 6.70 5.47
C VAL A 127 -2.14 7.39 4.85
N GLY A 128 -2.32 8.67 5.16
CA GLY A 128 -3.42 9.48 4.62
C GLY A 128 -3.48 9.56 3.11
N ALA A 129 -4.70 9.66 2.60
CA ALA A 129 -4.93 9.78 1.15
C ALA A 129 -4.06 10.84 0.49
N GLY A 130 -3.64 10.51 -0.72
CA GLY A 130 -2.93 11.46 -1.60
C GLY A 130 -1.51 11.74 -1.10
N SER A 131 -0.96 10.87 -0.26
CA SER A 131 0.47 10.99 0.16
C SER A 131 1.39 10.38 -0.90
N VAL A 132 2.62 10.92 -0.99
CA VAL A 132 3.65 10.42 -1.93
C VAL A 132 4.87 10.02 -1.09
N ILE A 133 5.11 8.74 -1.01
CA ILE A 133 6.32 8.16 -0.35
C ILE A 133 7.33 7.82 -1.44
N MET A 134 8.52 8.40 -1.40
CA MET A 134 9.48 8.29 -2.50
C MET A 134 10.33 7.04 -2.27
N MET A 135 11.53 6.99 -2.84
CA MET A 135 12.28 5.74 -2.99
C MET A 135 13.09 5.43 -1.72
N HIS A 136 13.30 4.16 -1.41
CA HIS A 136 14.22 3.75 -0.30
C HIS A 136 13.80 4.39 0.99
N ALA A 137 12.50 4.45 1.28
CA ALA A 137 11.97 5.05 2.53
C ALA A 137 11.32 4.00 3.42
N LEU A 138 11.29 4.28 4.73
CA LEU A 138 10.59 3.42 5.72
C LEU A 138 9.57 4.28 6.47
N VAL A 139 8.36 3.76 6.59
CA VAL A 139 7.25 4.37 7.36
C VAL A 139 6.77 3.28 8.32
N GLN A 140 6.99 3.48 9.60
CA GLN A 140 6.73 2.47 10.65
C GLN A 140 6.17 3.15 11.89
N ASP A 141 5.13 2.56 12.46
CA ASP A 141 4.61 2.92 13.80
C ASP A 141 4.03 4.34 13.84
N VAL A 142 3.48 4.82 12.74
CA VAL A 142 3.02 6.22 12.67
C VAL A 142 1.73 6.34 11.88
N GLU A 143 1.12 7.51 12.07
CA GLU A 143 0.02 7.98 11.20
C GLU A 143 0.52 9.17 10.38
N ILE A 144 0.54 9.01 9.05
CA ILE A 144 0.90 10.15 8.17
C ILE A 144 -0.42 10.82 7.78
N PRO A 145 -0.53 12.13 8.00
CA PRO A 145 -1.70 12.87 7.62
C PRO A 145 -1.89 12.85 6.10
N PRO A 146 -3.14 13.09 5.62
CA PRO A 146 -3.37 13.15 4.18
C PRO A 146 -2.45 14.15 3.47
N GLY A 147 -2.02 13.80 2.25
CA GLY A 147 -1.33 14.73 1.34
C GLY A 147 0.08 15.10 1.80
N ARG A 148 0.80 14.19 2.47
CA ARG A 148 2.21 14.47 2.82
C ARG A 148 3.19 13.82 1.85
N TYR A 149 4.39 14.38 1.84
CA TYR A 149 5.51 13.89 1.02
C TYR A 149 6.56 13.29 1.93
N VAL A 150 7.02 12.07 1.60
CA VAL A 150 8.14 11.43 2.34
C VAL A 150 9.32 11.33 1.38
N PRO A 151 10.40 12.09 1.61
CA PRO A 151 11.50 12.15 0.67
C PRO A 151 12.26 10.83 0.57
N SER A 152 12.99 10.67 -0.55
CA SER A 152 13.80 9.46 -0.75
C SER A 152 14.76 9.27 0.45
N GLY A 153 14.91 8.02 0.91
CA GLY A 153 15.87 7.66 1.96
C GLY A 153 15.35 8.00 3.38
N ALA A 154 14.15 8.58 3.53
CA ALA A 154 13.64 8.98 4.85
C ALA A 154 13.33 7.77 5.70
N ILE A 155 13.61 7.85 7.00
CA ILE A 155 13.36 6.77 7.98
C ILE A 155 12.39 7.37 8.98
N ILE A 156 11.08 7.14 8.79
CA ILE A 156 10.00 7.78 9.58
C ILE A 156 9.49 6.74 10.58
N THR A 157 9.88 6.87 11.84
CA THR A 157 9.61 5.86 12.88
C THR A 157 8.96 6.47 14.11
N THR A 158 8.75 7.81 14.15
CA THR A 158 8.07 8.47 15.28
C THR A 158 6.94 9.40 14.82
N GLN A 159 5.92 9.59 15.65
CA GLN A 159 4.78 10.46 15.27
C GLN A 159 5.24 11.92 15.12
N GLN A 160 6.22 12.37 15.90
CA GLN A 160 6.83 13.72 15.76
C GLN A 160 7.35 13.86 14.33
N GLN A 161 8.12 12.89 13.78
CA GLN A 161 8.60 13.00 12.36
C GLN A 161 7.43 13.04 11.38
N ALA A 162 6.41 12.21 11.57
CA ALA A 162 5.25 12.10 10.66
C ALA A 162 4.44 13.41 10.65
N ASP A 163 4.30 14.02 11.82
CA ASP A 163 3.52 15.29 11.94
C ASP A 163 4.27 16.44 11.23
N ARG A 164 5.60 16.39 11.07
CA ARG A 164 6.39 17.49 10.43
C ARG A 164 6.65 17.33 8.93
N LEU A 165 6.11 16.29 8.28
CA LEU A 165 6.37 16.06 6.85
C LEU A 165 5.78 17.22 6.07
N PRO A 166 6.44 17.60 4.96
CA PRO A 166 5.89 18.62 4.08
C PRO A 166 4.74 18.11 3.24
N GLU A 167 4.01 19.05 2.63
CA GLU A 167 2.85 18.73 1.78
C GLU A 167 3.34 18.30 0.38
N VAL A 168 2.54 17.43 -0.21
CA VAL A 168 2.71 17.00 -1.61
C VAL A 168 2.45 18.22 -2.52
N ARG A 169 3.29 18.40 -3.50
CA ARG A 169 3.07 19.47 -4.52
C ARG A 169 2.51 18.82 -5.78
N PRO A 170 1.94 19.61 -6.72
CA PRO A 170 1.51 19.07 -7.99
C PRO A 170 2.58 18.28 -8.78
N GLU A 171 3.81 18.77 -8.73
CA GLU A 171 5.00 18.13 -9.39
C GLU A 171 5.20 16.70 -8.84
N ASP A 172 4.86 16.46 -7.57
CA ASP A 172 5.08 15.13 -6.93
C ASP A 172 4.06 14.16 -7.49
N ARG A 173 2.79 14.60 -7.61
CA ARG A 173 1.76 13.72 -8.20
C ARG A 173 2.11 13.44 -9.67
N GLU A 174 2.58 14.45 -10.38
CA GLU A 174 2.97 14.30 -11.81
C GLU A 174 4.06 13.20 -11.91
N PHE A 175 5.05 13.28 -11.04
CA PHE A 175 6.12 12.25 -10.90
C PHE A 175 5.50 10.87 -10.70
N ALA A 176 4.59 10.73 -9.74
CA ALA A 176 3.91 9.45 -9.42
C ALA A 176 3.21 8.93 -10.68
N ARG A 177 2.51 9.80 -11.41
CA ARG A 177 1.77 9.31 -12.62
C ARG A 177 2.76 8.82 -13.68
N HIS A 178 3.89 9.48 -13.82
CA HIS A 178 4.92 9.09 -14.84
C HIS A 178 5.53 7.72 -14.52
N ILE A 179 5.73 7.44 -13.23
CA ILE A 179 6.32 6.14 -12.80
C ILE A 179 5.33 5.04 -13.06
N ILE A 180 4.04 5.31 -12.90
CA ILE A 180 3.10 4.22 -13.27
C ILE A 180 2.58 4.47 -14.69
NI NI B . 5.33 -11.32 7.52
CL CL C . 15.20 -4.90 -1.18
#